data_4LEC
#
_entry.id   4LEC
#
_cell.length_a   72.166
_cell.length_b   72.166
_cell.length_c   102.954
_cell.angle_alpha   90.000
_cell.angle_beta   90.000
_cell.angle_gamma   120.000
#
_symmetry.space_group_name_H-M   'P 31'
#
loop_
_entity.id
_entity.type
_entity.pdbx_description
1 polymer 'Protein-lysine methyltransferase METTL21A'
2 non-polymer S-ADENOSYL-L-HOMOCYSTEINE
3 non-polymer 'UNKNOWN ATOM OR ION'
4 water water
#
_entity_poly.entity_id   1
_entity_poly.type   'polypeptide(L)'
_entity_poly.pdbx_seq_one_letter_code
;GETTEFGLQKFHKPLATFSFANHTIQIRQDWRHLGVAAVVWDAAIVLSTYLEMGAVELRGRSAVELGAGTGLVGIVAALL
GAHVTITDRKVALEFLKSNVQANLPPHIQTKTVVKELTWGQNLGSFSPGEFDLILGADIIYLEETFTDLLQTLEHLCSNH
SVILLACRIRYERDNNFLAMLERQFTVRKVHYDPEKDVHIYEAQKRNQKEDL
;
_entity_poly.pdbx_strand_id   A,B
#
# COMPACT_ATOMS: atom_id res chain seq x y z
N GLN A 9 -1.16 -17.19 -27.60
CA GLN A 9 0.14 -17.87 -27.54
C GLN A 9 0.75 -17.79 -26.14
N LYS A 10 0.57 -16.64 -25.44
CA LYS A 10 0.99 -16.43 -24.05
C LYS A 10 0.20 -17.36 -23.11
N PHE A 11 -1.01 -17.70 -23.52
CA PHE A 11 -1.95 -18.57 -22.84
C PHE A 11 -1.44 -19.99 -22.72
N HIS A 12 -0.67 -20.49 -23.71
CA HIS A 12 -0.10 -21.85 -23.71
C HIS A 12 0.96 -22.09 -22.63
N LYS A 13 1.68 -21.04 -22.20
CA LYS A 13 2.73 -21.12 -21.17
C LYS A 13 2.15 -21.70 -19.87
N PRO A 14 2.87 -22.61 -19.18
CA PRO A 14 2.32 -23.16 -17.91
C PRO A 14 2.38 -22.16 -16.74
N LEU A 15 3.17 -21.08 -16.89
CA LEU A 15 3.39 -20.09 -15.85
C LEU A 15 3.56 -18.70 -16.43
N ALA A 16 2.80 -17.71 -15.91
CA ALA A 16 2.90 -16.29 -16.32
C ALA A 16 3.47 -15.52 -15.13
N THR A 17 4.59 -14.79 -15.35
CA THR A 17 5.30 -14.09 -14.26
C THR A 17 5.20 -12.56 -14.40
N PHE A 18 4.94 -11.88 -13.26
CA PHE A 18 4.76 -10.44 -13.22
C PHE A 18 5.46 -9.78 -12.05
N SER A 19 5.82 -8.50 -12.21
CA SER A 19 6.36 -7.69 -11.14
C SER A 19 5.36 -6.54 -10.86
N PHE A 20 4.75 -6.56 -9.67
CA PHE A 20 3.77 -5.58 -9.16
C PHE A 20 3.95 -5.46 -7.63
N ALA A 21 3.76 -4.25 -7.10
CA ALA A 21 3.84 -3.92 -5.65
C ALA A 21 5.07 -4.51 -4.91
N ASN A 22 6.28 -4.40 -5.52
CA ASN A 22 7.57 -4.89 -4.99
C ASN A 22 7.54 -6.43 -4.76
N HIS A 23 6.88 -7.13 -5.69
CA HIS A 23 6.72 -8.57 -5.61
C HIS A 23 6.74 -9.23 -6.95
N THR A 24 7.18 -10.50 -6.96
CA THR A 24 7.20 -11.35 -8.15
C THR A 24 5.98 -12.27 -8.01
N ILE A 25 5.07 -12.13 -8.96
CA ILE A 25 3.85 -12.91 -8.95
C ILE A 25 3.98 -13.99 -10.02
N GLN A 26 3.86 -15.23 -9.59
CA GLN A 26 3.97 -16.40 -10.47
C GLN A 26 2.62 -17.08 -10.53
N ILE A 27 1.94 -16.86 -11.66
CA ILE A 27 0.61 -17.39 -11.94
C ILE A 27 0.73 -18.72 -12.69
N ARG A 28 0.12 -19.78 -12.15
CA ARG A 28 0.07 -21.09 -12.81
C ARG A 28 -1.11 -21.01 -13.81
N GLN A 29 -0.87 -21.47 -15.06
CA GLN A 29 -1.89 -21.40 -16.12
C GLN A 29 -2.25 -22.75 -16.67
N ASP A 30 -3.51 -22.85 -17.17
CA ASP A 30 -4.01 -24.09 -17.74
C ASP A 30 -5.11 -23.81 -18.79
N TRP A 31 -4.68 -23.24 -19.91
CA TRP A 31 -5.49 -22.91 -21.07
C TRP A 31 -6.15 -24.19 -21.65
N ARG A 32 -5.32 -25.23 -21.89
CA ARG A 32 -5.71 -26.53 -22.44
C ARG A 32 -6.85 -27.22 -21.68
N HIS A 33 -6.66 -27.51 -20.38
CA HIS A 33 -7.62 -28.25 -19.58
C HIS A 33 -8.64 -27.41 -18.80
N LEU A 34 -8.36 -26.13 -18.54
CA LEU A 34 -9.33 -25.34 -17.76
C LEU A 34 -9.91 -24.16 -18.52
N GLY A 35 -9.12 -23.56 -19.41
CA GLY A 35 -9.60 -22.48 -20.25
C GLY A 35 -9.47 -21.06 -19.75
N VAL A 36 -10.55 -20.29 -19.99
CA VAL A 36 -10.71 -18.86 -19.75
C VAL A 36 -10.30 -18.41 -18.30
N ALA A 37 -10.82 -19.06 -17.25
CA ALA A 37 -10.50 -18.77 -15.85
C ALA A 37 -9.04 -19.15 -15.47
N ALA A 38 -8.34 -19.92 -16.31
CA ALA A 38 -6.99 -20.42 -16.03
C ALA A 38 -5.87 -19.72 -16.84
N VAL A 39 -6.17 -18.55 -17.41
CA VAL A 39 -5.18 -17.70 -18.08
C VAL A 39 -5.35 -16.25 -17.62
N VAL A 40 -4.22 -15.47 -17.60
CA VAL A 40 -4.24 -14.04 -17.25
C VAL A 40 -4.56 -13.31 -18.54
N TRP A 41 -5.62 -12.50 -18.52
CA TRP A 41 -6.04 -11.73 -19.69
C TRP A 41 -5.36 -10.39 -19.59
N ASP A 42 -5.19 -9.69 -20.73
CA ASP A 42 -4.55 -8.37 -20.79
C ASP A 42 -5.21 -7.36 -19.86
N ALA A 43 -6.56 -7.40 -19.73
CA ALA A 43 -7.31 -6.47 -18.87
C ALA A 43 -6.87 -6.56 -17.39
N ALA A 44 -6.47 -7.78 -16.92
CA ALA A 44 -5.96 -8.00 -15.57
C ALA A 44 -4.60 -7.33 -15.37
N ILE A 45 -3.74 -7.33 -16.43
CA ILE A 45 -2.43 -6.67 -16.41
C ILE A 45 -2.59 -5.13 -16.35
N VAL A 46 -3.46 -4.60 -17.23
CA VAL A 46 -3.80 -3.17 -17.35
C VAL A 46 -4.45 -2.65 -16.05
N LEU A 47 -5.45 -3.40 -15.50
CA LEU A 47 -6.10 -3.01 -14.26
C LEU A 47 -5.08 -3.00 -13.10
N SER A 48 -4.24 -4.06 -12.99
CA SER A 48 -3.19 -4.18 -11.96
C SER A 48 -2.19 -3.03 -12.02
N THR A 49 -1.83 -2.61 -13.25
CA THR A 49 -0.93 -1.49 -13.51
C THR A 49 -1.61 -0.19 -13.03
N TYR A 50 -2.90 0.01 -13.38
CA TYR A 50 -3.66 1.19 -12.95
C TYR A 50 -3.74 1.30 -11.42
N LEU A 51 -3.91 0.16 -10.71
CA LEU A 51 -4.00 0.11 -9.24
C LEU A 51 -2.69 0.53 -8.55
N GLU A 52 -1.57 0.29 -9.24
CA GLU A 52 -0.21 0.57 -8.81
C GLU A 52 0.16 2.05 -8.94
N MET A 53 -0.42 2.76 -9.93
CA MET A 53 -0.09 4.13 -10.28
C MET A 53 -0.65 5.26 -9.37
N GLY A 54 -1.51 4.94 -8.40
CA GLY A 54 -1.93 5.91 -7.40
C GLY A 54 -3.28 6.61 -7.47
N ALA A 55 -4.04 6.48 -8.57
CA ALA A 55 -5.37 7.13 -8.64
C ALA A 55 -6.42 6.44 -7.75
N VAL A 56 -6.14 5.22 -7.29
CA VAL A 56 -7.10 4.45 -6.47
C VAL A 56 -6.61 4.33 -5.03
N GLU A 57 -7.50 4.59 -4.05
CA GLU A 57 -7.17 4.40 -2.65
C GLU A 57 -7.32 2.91 -2.38
N LEU A 58 -6.29 2.27 -1.82
CA LEU A 58 -6.29 0.82 -1.56
C LEU A 58 -5.99 0.44 -0.10
N ARG A 59 -5.07 1.17 0.60
CA ARG A 59 -4.65 0.89 1.99
C ARG A 59 -5.82 0.79 2.97
N GLY A 60 -5.97 -0.41 3.55
CA GLY A 60 -7.00 -0.79 4.51
C GLY A 60 -8.41 -0.85 3.98
N ARG A 61 -8.59 -0.61 2.67
CA ARG A 61 -9.90 -0.54 2.01
C ARG A 61 -10.48 -1.92 1.73
N SER A 62 -11.79 -2.02 1.89
CA SER A 62 -12.59 -3.20 1.67
C SER A 62 -12.79 -3.36 0.14
N ALA A 63 -12.32 -4.49 -0.40
CA ALA A 63 -12.42 -4.77 -1.82
C ALA A 63 -12.91 -6.19 -2.11
N VAL A 64 -13.56 -6.33 -3.26
CA VAL A 64 -14.06 -7.59 -3.79
C VAL A 64 -13.65 -7.65 -5.26
N GLU A 65 -13.11 -8.79 -5.70
CA GLU A 65 -12.83 -9.01 -7.12
C GLU A 65 -13.86 -10.03 -7.61
N LEU A 66 -14.55 -9.68 -8.71
CA LEU A 66 -15.52 -10.50 -9.40
C LEU A 66 -14.82 -11.20 -10.57
N GLY A 67 -15.12 -12.49 -10.77
CA GLY A 67 -14.57 -13.32 -11.82
C GLY A 67 -13.06 -13.22 -11.89
N ALA A 68 -12.38 -13.42 -10.72
CA ALA A 68 -10.92 -13.26 -10.57
C ALA A 68 -10.04 -14.16 -11.47
N GLY A 69 -10.59 -15.29 -11.90
CA GLY A 69 -9.88 -16.26 -12.73
C GLY A 69 -8.69 -16.87 -12.02
N THR A 70 -7.48 -16.35 -12.34
CA THR A 70 -6.20 -16.77 -11.73
C THR A 70 -5.98 -15.98 -10.45
N GLY A 71 -6.55 -14.77 -10.40
CA GLY A 71 -6.53 -13.88 -9.26
C GLY A 71 -5.53 -12.74 -9.27
N LEU A 72 -4.83 -12.49 -10.39
CA LEU A 72 -3.83 -11.41 -10.48
C LEU A 72 -4.29 -10.07 -9.88
N VAL A 73 -5.41 -9.49 -10.36
CA VAL A 73 -5.89 -8.19 -9.86
C VAL A 73 -6.05 -8.21 -8.33
N GLY A 74 -6.74 -9.24 -7.81
CA GLY A 74 -6.97 -9.44 -6.38
C GLY A 74 -5.70 -9.58 -5.57
N ILE A 75 -4.69 -10.31 -6.11
CA ILE A 75 -3.34 -10.50 -5.54
C ILE A 75 -2.62 -9.14 -5.43
N VAL A 76 -2.56 -8.39 -6.54
CA VAL A 76 -1.96 -7.04 -6.65
C VAL A 76 -2.65 -6.07 -5.68
N ALA A 77 -3.99 -6.04 -5.65
CA ALA A 77 -4.77 -5.17 -4.75
C ALA A 77 -4.48 -5.48 -3.27
N ALA A 78 -4.34 -6.78 -2.92
CA ALA A 78 -4.02 -7.25 -1.57
C ALA A 78 -2.59 -6.78 -1.19
N LEU A 79 -1.62 -7.05 -2.06
CA LEU A 79 -0.23 -6.63 -1.91
C LEU A 79 -0.10 -5.10 -1.80
N LEU A 80 -1.09 -4.34 -2.33
CA LEU A 80 -1.12 -2.88 -2.27
C LEU A 80 -1.92 -2.37 -1.02
N GLY A 81 -2.30 -3.29 -0.11
CA GLY A 81 -2.93 -2.95 1.17
C GLY A 81 -4.43 -3.12 1.37
N ALA A 82 -5.16 -3.55 0.34
CA ALA A 82 -6.61 -3.73 0.48
C ALA A 82 -6.97 -5.05 1.18
N HIS A 83 -8.21 -5.14 1.70
CA HIS A 83 -8.77 -6.29 2.38
C HIS A 83 -9.70 -6.87 1.32
N VAL A 84 -9.14 -7.75 0.51
CA VAL A 84 -9.76 -8.27 -0.71
C VAL A 84 -10.43 -9.63 -0.56
N THR A 85 -11.70 -9.69 -1.02
CA THR A 85 -12.50 -10.88 -1.16
C THR A 85 -12.35 -11.21 -2.64
N ILE A 86 -11.59 -12.23 -2.96
CA ILE A 86 -11.26 -12.58 -4.33
C ILE A 86 -12.24 -13.65 -4.75
N THR A 87 -13.12 -13.35 -5.74
CA THR A 87 -14.18 -14.31 -6.07
C THR A 87 -14.21 -14.80 -7.51
N ASP A 88 -15.01 -15.86 -7.72
CA ASP A 88 -15.34 -16.47 -8.99
C ASP A 88 -16.45 -17.49 -8.76
N ARG A 89 -16.84 -18.21 -9.83
CA ARG A 89 -17.81 -19.29 -9.75
C ARG A 89 -17.08 -20.58 -9.32
N LYS A 90 -17.85 -21.52 -8.73
CA LYS A 90 -17.49 -22.83 -8.17
C LYS A 90 -16.40 -23.58 -8.92
N VAL A 91 -16.52 -23.75 -10.25
CA VAL A 91 -15.58 -24.51 -11.10
C VAL A 91 -14.20 -23.86 -11.19
N ALA A 92 -14.11 -22.52 -11.05
CA ALA A 92 -12.83 -21.77 -11.10
C ALA A 92 -12.17 -21.66 -9.73
N LEU A 93 -12.90 -21.93 -8.66
CA LEU A 93 -12.49 -21.71 -7.27
C LEU A 93 -11.16 -22.37 -6.87
N GLU A 94 -11.04 -23.70 -7.05
CA GLU A 94 -9.83 -24.47 -6.73
C GLU A 94 -8.57 -23.86 -7.35
N PHE A 95 -8.58 -23.60 -8.65
CA PHE A 95 -7.44 -23.01 -9.35
C PHE A 95 -7.14 -21.57 -8.87
N LEU A 96 -8.17 -20.78 -8.56
CA LEU A 96 -8.03 -19.42 -8.06
C LEU A 96 -7.30 -19.46 -6.69
N LYS A 97 -7.83 -20.29 -5.73
CA LYS A 97 -7.32 -20.49 -4.38
C LYS A 97 -5.83 -20.84 -4.37
N SER A 98 -5.36 -21.59 -5.39
CA SER A 98 -3.97 -22.05 -5.48
C SER A 98 -3.01 -20.95 -5.88
N ASN A 99 -3.38 -20.11 -6.86
CA ASN A 99 -2.56 -18.98 -7.29
C ASN A 99 -2.51 -17.89 -6.20
N VAL A 100 -3.65 -17.65 -5.50
CA VAL A 100 -3.70 -16.64 -4.44
C VAL A 100 -2.75 -17.03 -3.30
N GLN A 101 -2.99 -18.21 -2.66
CA GLN A 101 -2.21 -18.76 -1.54
C GLN A 101 -0.69 -18.74 -1.80
N ALA A 102 -0.25 -19.19 -2.98
CA ALA A 102 1.16 -19.28 -3.35
C ALA A 102 1.82 -17.94 -3.72
N ASN A 103 1.06 -16.83 -3.79
CA ASN A 103 1.60 -15.54 -4.18
C ASN A 103 1.40 -14.42 -3.17
N LEU A 104 0.98 -14.76 -1.96
CA LEU A 104 0.78 -13.77 -0.91
C LEU A 104 1.56 -14.13 0.36
N PRO A 105 2.26 -13.17 1.00
CA PRO A 105 2.92 -13.46 2.29
C PRO A 105 1.86 -13.70 3.39
N PRO A 106 2.17 -14.43 4.48
CA PRO A 106 1.14 -14.70 5.50
C PRO A 106 0.47 -13.48 6.16
N HIS A 107 1.13 -12.30 6.24
CA HIS A 107 0.51 -11.12 6.86
C HIS A 107 -0.57 -10.47 5.94
N ILE A 108 -0.51 -10.76 4.62
CA ILE A 108 -1.46 -10.30 3.61
C ILE A 108 -2.62 -11.30 3.53
N GLN A 109 -2.28 -12.62 3.61
CA GLN A 109 -3.18 -13.78 3.60
C GLN A 109 -4.31 -13.64 4.62
N THR A 110 -4.00 -13.17 5.86
CA THR A 110 -5.01 -13.01 6.92
C THR A 110 -6.01 -11.87 6.60
N LYS A 111 -5.68 -10.98 5.67
CA LYS A 111 -6.58 -9.89 5.29
C LYS A 111 -7.33 -10.23 3.96
N THR A 112 -7.11 -11.45 3.43
CA THR A 112 -7.65 -11.90 2.15
C THR A 112 -8.61 -13.06 2.31
N VAL A 113 -9.72 -13.02 1.58
CA VAL A 113 -10.70 -14.11 1.58
C VAL A 113 -10.86 -14.65 0.15
N VAL A 114 -10.63 -15.96 -0.06
CA VAL A 114 -10.93 -16.57 -1.36
C VAL A 114 -12.22 -17.41 -1.13
N LYS A 115 -13.30 -17.01 -1.79
CA LYS A 115 -14.59 -17.67 -1.64
C LYS A 115 -15.37 -17.58 -2.95
N GLU A 116 -16.44 -18.35 -3.05
CA GLU A 116 -17.30 -18.35 -4.22
C GLU A 116 -18.29 -17.17 -4.22
N LEU A 117 -18.58 -16.69 -5.43
CA LEU A 117 -19.60 -15.71 -5.79
C LEU A 117 -19.91 -15.96 -7.27
N THR A 118 -21.02 -16.69 -7.54
CA THR A 118 -21.55 -16.95 -8.87
C THR A 118 -22.54 -15.80 -9.07
N TRP A 119 -22.35 -14.98 -10.13
CA TRP A 119 -23.14 -13.78 -10.40
C TRP A 119 -24.66 -14.02 -10.28
N GLY A 120 -25.25 -13.18 -9.42
CA GLY A 120 -26.68 -13.16 -9.09
C GLY A 120 -27.19 -14.25 -8.18
N GLN A 121 -26.28 -15.13 -7.68
CA GLN A 121 -26.61 -16.29 -6.84
CA GLN A 121 -26.62 -16.28 -6.83
C GLN A 121 -26.11 -16.12 -5.40
N ASN A 122 -26.96 -16.48 -4.39
CA ASN A 122 -26.67 -16.40 -2.95
C ASN A 122 -26.11 -15.00 -2.55
N LEU A 123 -26.73 -13.94 -3.11
CA LEU A 123 -26.31 -12.56 -2.88
C LEU A 123 -26.50 -12.13 -1.44
N GLY A 124 -27.41 -12.79 -0.72
CA GLY A 124 -27.72 -12.57 0.69
C GLY A 124 -26.57 -12.81 1.64
N SER A 125 -25.60 -13.68 1.26
CA SER A 125 -24.39 -13.99 2.04
C SER A 125 -23.35 -12.83 2.00
N PHE A 126 -23.70 -11.75 1.30
CA PHE A 126 -22.86 -10.57 1.15
C PHE A 126 -23.62 -9.33 1.59
N SER A 127 -22.95 -8.47 2.36
CA SER A 127 -23.55 -7.23 2.87
C SER A 127 -23.55 -6.14 1.79
N PRO A 128 -24.67 -5.41 1.60
CA PRO A 128 -24.72 -4.38 0.53
C PRO A 128 -23.73 -3.22 0.72
N GLY A 129 -23.33 -2.93 1.96
CA GLY A 129 -22.36 -1.88 2.26
C GLY A 129 -21.02 -2.43 2.74
N GLU A 130 -20.67 -3.67 2.31
CA GLU A 130 -19.46 -4.36 2.75
C GLU A 130 -18.18 -3.90 2.04
N PHE A 131 -18.23 -3.69 0.70
CA PHE A 131 -17.05 -3.31 -0.08
C PHE A 131 -17.08 -1.88 -0.58
N ASP A 132 -15.95 -1.18 -0.43
CA ASP A 132 -15.75 0.20 -0.88
C ASP A 132 -15.19 0.20 -2.29
N LEU A 133 -14.62 -0.94 -2.69
CA LEU A 133 -14.01 -1.11 -4.01
C LEU A 133 -14.47 -2.42 -4.66
N ILE A 134 -14.97 -2.35 -5.90
CA ILE A 134 -15.44 -3.52 -6.65
C ILE A 134 -14.59 -3.63 -7.92
N LEU A 135 -13.92 -4.78 -8.10
CA LEU A 135 -13.01 -4.97 -9.23
C LEU A 135 -13.43 -6.08 -10.18
N GLY A 136 -13.19 -5.84 -11.48
CA GLY A 136 -13.51 -6.79 -12.54
C GLY A 136 -12.65 -6.54 -13.75
N ALA A 137 -11.86 -7.53 -14.14
CA ALA A 137 -11.01 -7.42 -15.32
C ALA A 137 -11.46 -8.45 -16.36
N ASP A 138 -11.93 -7.97 -17.54
CA ASP A 138 -12.37 -8.77 -18.68
C ASP A 138 -13.40 -9.88 -18.29
N ILE A 139 -14.47 -9.46 -17.64
CA ILE A 139 -15.52 -10.34 -17.16
C ILE A 139 -16.83 -10.10 -17.95
N ILE A 140 -16.79 -9.21 -18.97
CA ILE A 140 -17.92 -8.88 -19.86
C ILE A 140 -17.78 -9.69 -21.15
N TYR A 141 -18.54 -10.76 -21.29
CA TYR A 141 -18.43 -11.66 -22.44
C TYR A 141 -19.58 -12.64 -22.57
N LEU A 142 -20.27 -12.99 -21.47
CA LEU A 142 -21.36 -13.98 -21.50
C LEU A 142 -22.71 -13.32 -21.35
N GLU A 143 -23.40 -13.06 -22.48
CA GLU A 143 -24.73 -12.40 -22.51
C GLU A 143 -25.79 -13.00 -21.58
N GLU A 144 -25.78 -14.33 -21.43
CA GLU A 144 -26.74 -15.10 -20.61
C GLU A 144 -26.69 -14.76 -19.17
N THR A 145 -25.58 -14.15 -18.69
CA THR A 145 -25.49 -13.82 -17.26
C THR A 145 -25.23 -12.32 -17.06
N PHE A 146 -25.54 -11.51 -18.09
CA PHE A 146 -25.43 -10.05 -18.00
C PHE A 146 -26.36 -9.54 -16.89
N THR A 147 -27.62 -10.05 -16.81
CA THR A 147 -28.57 -9.64 -15.76
C THR A 147 -28.02 -10.01 -14.39
N ASP A 148 -27.49 -11.25 -14.26
CA ASP A 148 -26.85 -11.79 -13.05
C ASP A 148 -25.71 -10.89 -12.55
N LEU A 149 -24.87 -10.40 -13.48
CA LEU A 149 -23.74 -9.51 -13.19
C LEU A 149 -24.20 -8.15 -12.75
N LEU A 150 -25.21 -7.57 -13.44
CA LEU A 150 -25.77 -6.27 -13.08
C LEU A 150 -26.45 -6.34 -11.71
N GLN A 151 -27.12 -7.47 -11.38
CA GLN A 151 -27.76 -7.62 -10.06
C GLN A 151 -26.73 -7.77 -8.94
N THR A 152 -25.55 -8.29 -9.26
CA THR A 152 -24.44 -8.42 -8.32
C THR A 152 -23.86 -7.01 -8.06
N LEU A 153 -23.50 -6.25 -9.13
CA LEU A 153 -22.98 -4.88 -9.01
C LEU A 153 -23.92 -4.00 -8.19
N GLU A 154 -25.24 -4.01 -8.51
CA GLU A 154 -26.31 -3.27 -7.83
C GLU A 154 -26.47 -3.68 -6.37
N HIS A 155 -26.25 -4.96 -6.05
CA HIS A 155 -26.33 -5.46 -4.67
C HIS A 155 -25.12 -5.04 -3.84
N LEU A 156 -23.91 -5.15 -4.41
CA LEU A 156 -22.64 -4.82 -3.73
C LEU A 156 -22.26 -3.34 -3.73
N CYS A 157 -22.66 -2.57 -4.73
CA CYS A 157 -22.26 -1.16 -4.84
C CYS A 157 -23.11 -0.20 -4.01
N SER A 158 -22.61 0.17 -2.81
CA SER A 158 -23.26 1.16 -1.95
C SER A 158 -23.01 2.56 -2.55
N ASN A 159 -23.53 3.62 -1.94
CA ASN A 159 -23.37 4.98 -2.45
C ASN A 159 -21.92 5.46 -2.43
N HIS A 160 -21.10 4.96 -1.47
CA HIS A 160 -19.71 5.33 -1.34
CA HIS A 160 -19.71 5.35 -1.38
C HIS A 160 -18.81 4.50 -2.27
N SER A 161 -19.18 3.22 -2.50
CA SER A 161 -18.46 2.24 -3.32
C SER A 161 -18.17 2.71 -4.75
N VAL A 162 -16.99 2.31 -5.27
CA VAL A 162 -16.54 2.59 -6.64
C VAL A 162 -16.32 1.25 -7.38
N ILE A 163 -16.74 1.17 -8.64
CA ILE A 163 -16.54 -0.07 -9.40
C ILE A 163 -15.48 0.24 -10.44
N LEU A 164 -14.48 -0.63 -10.61
CA LEU A 164 -13.49 -0.45 -11.68
C LEU A 164 -13.59 -1.65 -12.61
N LEU A 165 -14.07 -1.45 -13.84
CA LEU A 165 -14.17 -2.54 -14.83
C LEU A 165 -13.19 -2.33 -15.95
N ALA A 166 -12.24 -3.27 -16.13
CA ALA A 166 -11.26 -3.22 -17.22
C ALA A 166 -11.85 -4.10 -18.32
N CYS A 167 -12.05 -3.54 -19.53
CA CYS A 167 -12.73 -4.23 -20.63
C CYS A 167 -11.98 -4.20 -21.93
N ARG A 168 -12.18 -5.27 -22.72
CA ARG A 168 -11.79 -5.37 -24.12
C ARG A 168 -13.17 -5.42 -24.83
N ILE A 169 -13.52 -4.33 -25.56
CA ILE A 169 -14.81 -4.27 -26.27
C ILE A 169 -14.61 -4.99 -27.60
N ARG A 170 -15.14 -6.21 -27.67
CA ARG A 170 -14.97 -7.14 -28.76
C ARG A 170 -16.12 -7.12 -29.76
N TYR A 171 -17.38 -7.17 -29.27
CA TYR A 171 -18.61 -7.21 -30.09
C TYR A 171 -19.70 -6.27 -29.52
N GLU A 172 -20.83 -6.09 -30.27
CA GLU A 172 -22.02 -5.29 -29.92
C GLU A 172 -22.54 -5.57 -28.48
N ARG A 173 -22.56 -6.87 -28.08
CA ARG A 173 -22.99 -7.34 -26.75
C ARG A 173 -22.27 -6.59 -25.59
N ASP A 174 -20.98 -6.24 -25.80
CA ASP A 174 -20.14 -5.55 -24.82
C ASP A 174 -20.68 -4.15 -24.56
N ASN A 175 -20.98 -3.38 -25.63
CA ASN A 175 -21.64 -2.05 -25.56
C ASN A 175 -23.02 -2.17 -24.92
N ASN A 176 -23.76 -3.28 -25.18
CA ASN A 176 -25.08 -3.54 -24.61
C ASN A 176 -25.02 -3.62 -23.09
N PHE A 177 -24.03 -4.35 -22.53
CA PHE A 177 -23.85 -4.47 -21.08
C PHE A 177 -23.52 -3.09 -20.47
N LEU A 178 -22.63 -2.32 -21.13
CA LEU A 178 -22.23 -0.99 -20.71
C LEU A 178 -23.43 -0.02 -20.72
N ALA A 179 -24.40 -0.20 -21.63
CA ALA A 179 -25.63 0.59 -21.70
C ALA A 179 -26.52 0.15 -20.56
N MET A 180 -26.58 -1.16 -20.28
CA MET A 180 -27.38 -1.70 -19.16
C MET A 180 -26.80 -1.12 -17.85
N LEU A 181 -25.46 -1.09 -17.72
CA LEU A 181 -24.74 -0.52 -16.57
C LEU A 181 -25.07 0.98 -16.41
N GLU A 182 -25.04 1.74 -17.51
CA GLU A 182 -25.30 3.17 -17.52
C GLU A 182 -26.69 3.61 -17.04
N ARG A 183 -27.71 2.72 -17.10
CA ARG A 183 -29.06 3.04 -16.66
C ARG A 183 -29.14 3.47 -15.19
N GLN A 184 -28.43 2.74 -14.31
CA GLN A 184 -28.42 2.99 -12.85
C GLN A 184 -27.13 3.62 -12.35
N PHE A 185 -26.05 3.48 -13.11
CA PHE A 185 -24.75 3.94 -12.67
C PHE A 185 -24.13 4.96 -13.59
N THR A 186 -23.31 5.88 -13.02
CA THR A 186 -22.46 6.76 -13.82
C THR A 186 -21.32 5.81 -14.31
N VAL A 187 -20.99 5.84 -15.62
CA VAL A 187 -19.93 5.02 -16.23
C VAL A 187 -18.99 6.02 -16.89
N ARG A 188 -17.74 6.07 -16.41
CA ARG A 188 -16.75 7.03 -16.89
CA ARG A 188 -16.74 7.02 -16.91
C ARG A 188 -15.42 6.33 -17.28
N LYS A 189 -14.88 6.68 -18.47
CA LYS A 189 -13.61 6.20 -18.98
C LYS A 189 -12.53 6.86 -18.12
N VAL A 190 -11.70 6.05 -17.44
CA VAL A 190 -10.64 6.61 -16.58
C VAL A 190 -9.25 6.22 -17.11
N HIS A 191 -9.18 5.22 -17.97
CA HIS A 191 -7.91 4.77 -18.53
C HIS A 191 -8.12 3.97 -19.80
N TYR A 192 -7.21 4.13 -20.77
CA TYR A 192 -7.17 3.40 -22.03
C TYR A 192 -5.74 3.00 -22.38
N ASP A 193 -5.51 1.71 -22.67
CA ASP A 193 -4.21 1.13 -23.08
C ASP A 193 -4.24 0.79 -24.59
N PRO A 194 -3.58 1.57 -25.49
CA PRO A 194 -3.68 1.30 -26.94
C PRO A 194 -3.15 -0.04 -27.44
N GLU A 195 -1.96 -0.48 -26.98
CA GLU A 195 -1.38 -1.75 -27.45
C GLU A 195 -2.19 -2.99 -27.06
N LYS A 196 -2.82 -2.98 -25.87
CA LYS A 196 -3.63 -4.10 -25.40
C LYS A 196 -5.11 -3.91 -25.74
N ASP A 197 -5.51 -2.68 -26.17
CA ASP A 197 -6.87 -2.25 -26.52
C ASP A 197 -7.87 -2.50 -25.36
N VAL A 198 -7.49 -2.03 -24.16
CA VAL A 198 -8.26 -2.19 -22.93
C VAL A 198 -8.69 -0.81 -22.37
N HIS A 199 -9.98 -0.69 -22.01
CA HIS A 199 -10.52 0.52 -21.36
C HIS A 199 -10.87 0.17 -19.92
N ILE A 200 -10.60 1.10 -18.98
CA ILE A 200 -10.96 0.97 -17.57
C ILE A 200 -12.06 1.97 -17.38
N TYR A 201 -13.21 1.49 -16.95
CA TYR A 201 -14.36 2.31 -16.64
C TYR A 201 -14.52 2.33 -15.16
N GLU A 202 -14.92 3.46 -14.64
CA GLU A 202 -15.23 3.61 -13.25
C GLU A 202 -16.75 3.79 -13.15
N ALA A 203 -17.40 3.03 -12.28
CA ALA A 203 -18.85 3.16 -12.11
C ALA A 203 -19.24 3.48 -10.68
N GLN A 204 -20.25 4.35 -10.53
CA GLN A 204 -20.78 4.78 -9.25
C GLN A 204 -22.28 4.80 -9.36
N LYS A 205 -22.99 4.50 -8.27
CA LYS A 205 -24.45 4.55 -8.20
C LYS A 205 -24.85 6.00 -8.56
N ARG A 206 -25.70 6.20 -9.59
CA ARG A 206 -26.05 7.57 -10.00
C ARG A 206 -26.98 8.22 -8.98
N ASN A 207 -28.18 7.66 -8.78
CA ASN A 207 -29.14 8.24 -7.86
C ASN A 207 -28.93 7.70 -6.44
N GLN A 208 -28.08 8.41 -5.70
CA GLN A 208 -27.67 8.10 -4.33
C GLN A 208 -28.73 8.47 -3.28
N LYS A 209 -29.84 9.06 -3.71
CA LYS A 209 -30.95 9.39 -2.82
C LYS A 209 -31.94 8.21 -2.75
N GLU A 210 -31.81 7.27 -3.73
CA GLU A 210 -32.57 6.03 -3.94
C GLU A 210 -34.06 6.29 -4.07
N GLN B 9 18.02 29.19 15.63
CA GLN B 9 17.44 30.20 14.74
C GLN B 9 16.58 29.56 13.65
N LYS B 10 17.04 28.42 13.08
CA LYS B 10 16.30 27.66 12.06
C LYS B 10 15.01 27.14 12.69
N PHE B 11 15.04 26.81 14.00
CA PHE B 11 13.89 26.35 14.77
C PHE B 11 12.85 27.46 14.97
N HIS B 12 13.26 28.74 14.95
CA HIS B 12 12.35 29.89 15.13
C HIS B 12 11.66 30.34 13.84
N LYS B 13 12.13 29.84 12.66
CA LYS B 13 11.51 30.14 11.36
C LYS B 13 10.15 29.41 11.31
N PRO B 14 9.02 30.08 11.00
CA PRO B 14 7.72 29.37 10.98
C PRO B 14 7.60 28.38 9.83
N LEU B 15 8.53 28.47 8.85
CA LEU B 15 8.56 27.62 7.67
C LEU B 15 9.97 27.23 7.28
N ALA B 16 10.19 25.93 7.04
CA ALA B 16 11.49 25.42 6.59
C ALA B 16 11.28 24.76 5.21
N THR B 17 12.02 25.24 4.22
CA THR B 17 11.94 24.79 2.82
C THR B 17 13.13 23.91 2.46
N PHE B 18 12.86 22.82 1.72
CA PHE B 18 13.83 21.82 1.25
C PHE B 18 13.49 21.34 -0.15
N SER B 19 14.49 20.93 -0.91
CA SER B 19 14.26 20.37 -2.23
C SER B 19 14.77 18.95 -2.22
N PHE B 20 13.85 17.98 -2.43
CA PHE B 20 14.14 16.55 -2.46
C PHE B 20 13.24 15.84 -3.48
N ALA B 21 13.81 14.84 -4.18
CA ALA B 21 13.14 14.01 -5.21
C ALA B 21 12.49 14.87 -6.32
N ASN B 22 13.21 15.93 -6.76
CA ASN B 22 12.80 16.94 -7.75
C ASN B 22 11.53 17.74 -7.33
N HIS B 23 11.10 17.60 -6.05
CA HIS B 23 9.95 18.31 -5.48
C HIS B 23 10.37 19.34 -4.43
N THR B 24 9.49 20.32 -4.15
CA THR B 24 9.73 21.32 -3.12
C THR B 24 8.90 20.95 -1.90
N ILE B 25 9.57 20.87 -0.73
CA ILE B 25 8.98 20.52 0.57
C ILE B 25 9.00 21.74 1.46
N GLN B 26 7.83 22.20 1.90
CA GLN B 26 7.68 23.35 2.79
C GLN B 26 7.13 22.85 4.13
N ILE B 27 7.99 22.86 5.17
CA ILE B 27 7.65 22.37 6.51
C ILE B 27 7.24 23.50 7.50
N ARG B 28 6.03 23.40 8.08
CA ARG B 28 5.50 24.27 9.15
C ARG B 28 6.27 23.91 10.42
N GLN B 29 6.69 24.92 11.17
CA GLN B 29 7.43 24.70 12.42
C GLN B 29 6.80 25.49 13.51
N ASP B 30 6.84 24.95 14.73
CA ASP B 30 6.32 25.58 15.94
C ASP B 30 7.15 25.17 17.18
N TRP B 31 8.37 25.72 17.26
CA TRP B 31 9.31 25.52 18.37
C TRP B 31 8.69 26.01 19.69
N ARG B 32 8.11 27.23 19.67
CA ARG B 32 7.51 27.87 20.84
C ARG B 32 6.30 27.14 21.47
N HIS B 33 5.32 26.68 20.67
CA HIS B 33 4.11 26.08 21.23
C HIS B 33 4.05 24.53 21.19
N LEU B 34 4.92 23.87 20.42
CA LEU B 34 4.91 22.40 20.38
C LEU B 34 6.27 21.76 20.64
N GLY B 35 7.37 22.48 20.35
CA GLY B 35 8.72 22.05 20.67
C GLY B 35 9.43 21.13 19.71
N VAL B 36 10.03 20.05 20.28
CA VAL B 36 10.88 19.04 19.66
C VAL B 36 10.21 18.35 18.42
N ALA B 37 8.96 17.88 18.54
CA ALA B 37 8.24 17.23 17.45
C ALA B 37 7.85 18.22 16.32
N ALA B 38 7.95 19.55 16.55
CA ALA B 38 7.50 20.54 15.58
C ALA B 38 8.64 21.32 14.90
N VAL B 39 9.84 20.75 14.86
CA VAL B 39 10.97 21.39 14.16
C VAL B 39 11.77 20.31 13.44
N VAL B 40 12.43 20.65 12.29
CA VAL B 40 13.28 19.71 11.56
C VAL B 40 14.63 19.60 12.26
N TRP B 41 15.06 18.37 12.57
CA TRP B 41 16.37 18.12 13.15
C TRP B 41 17.34 17.81 12.04
N ASP B 42 18.61 18.22 12.19
CA ASP B 42 19.69 17.99 11.19
C ASP B 42 19.72 16.54 10.71
N ALA B 43 19.41 15.57 11.61
CA ALA B 43 19.37 14.12 11.30
C ALA B 43 18.31 13.79 10.26
N ALA B 44 17.17 14.53 10.23
CA ALA B 44 16.12 14.34 9.22
C ALA B 44 16.62 14.73 7.83
N ILE B 45 17.38 15.86 7.71
CA ILE B 45 18.00 16.34 6.45
C ILE B 45 18.95 15.27 5.95
N VAL B 46 19.83 14.79 6.83
CA VAL B 46 20.86 13.78 6.57
C VAL B 46 20.22 12.46 6.07
N LEU B 47 19.17 11.96 6.75
CA LEU B 47 18.51 10.72 6.33
C LEU B 47 17.77 10.93 5.01
N SER B 48 17.19 12.11 4.79
CA SER B 48 16.46 12.46 3.57
C SER B 48 17.37 12.46 2.36
N THR B 49 18.56 13.07 2.50
CA THR B 49 19.62 13.19 1.50
C THR B 49 20.10 11.80 1.11
N TYR B 50 20.36 10.94 2.11
CA TYR B 50 20.85 9.57 1.98
C TYR B 50 19.93 8.65 1.14
N LEU B 51 18.60 8.74 1.36
CA LEU B 51 17.61 7.92 0.64
C LEU B 51 17.55 8.34 -0.84
N GLU B 52 17.71 9.66 -1.09
CA GLU B 52 17.71 10.34 -2.38
C GLU B 52 18.96 9.92 -3.19
N MET B 53 20.09 9.58 -2.49
CA MET B 53 21.36 9.15 -3.10
C MET B 53 21.18 7.87 -3.94
N GLY B 54 20.40 6.91 -3.42
CA GLY B 54 20.11 5.66 -4.11
C GLY B 54 20.58 4.38 -3.46
N ALA B 55 21.33 4.45 -2.34
CA ALA B 55 21.83 3.26 -1.63
C ALA B 55 20.70 2.41 -1.04
N VAL B 56 19.48 2.98 -0.98
CA VAL B 56 18.28 2.30 -0.48
C VAL B 56 17.27 2.14 -1.63
N GLU B 57 16.80 0.90 -1.87
CA GLU B 57 15.74 0.63 -2.85
C GLU B 57 14.47 1.07 -2.12
N LEU B 58 13.64 1.92 -2.76
CA LEU B 58 12.47 2.50 -2.12
C LEU B 58 11.16 2.31 -2.89
N ARG B 59 11.19 2.32 -4.25
CA ARG B 59 10.03 2.19 -5.13
C ARG B 59 9.18 0.92 -4.79
N GLY B 60 7.95 1.14 -4.38
CA GLY B 60 7.02 0.08 -4.01
C GLY B 60 7.27 -0.59 -2.68
N ARG B 61 8.41 -0.25 -2.05
CA ARG B 61 8.86 -0.79 -0.77
C ARG B 61 7.94 -0.31 0.36
N SER B 62 7.66 -1.20 1.30
CA SER B 62 6.85 -0.93 2.49
C SER B 62 7.76 -0.26 3.54
N ALA B 63 7.46 0.99 3.94
CA ALA B 63 8.27 1.72 4.92
C ALA B 63 7.49 2.28 6.12
N VAL B 64 8.16 2.34 7.27
CA VAL B 64 7.56 2.94 8.44
C VAL B 64 8.56 3.95 9.04
N GLU B 65 8.06 5.14 9.38
CA GLU B 65 8.87 6.12 10.07
C GLU B 65 8.44 6.24 11.54
N LEU B 66 9.41 6.10 12.47
CA LEU B 66 9.22 6.22 13.92
C LEU B 66 9.58 7.63 14.39
N GLY B 67 8.75 8.20 15.28
CA GLY B 67 8.92 9.56 15.79
C GLY B 67 9.24 10.56 14.69
N ALA B 68 8.37 10.58 13.66
CA ALA B 68 8.50 11.39 12.45
C ALA B 68 8.63 12.88 12.71
N GLY B 69 7.96 13.38 13.75
CA GLY B 69 8.00 14.80 14.10
C GLY B 69 7.20 15.63 13.12
N THR B 70 7.90 16.36 12.22
CA THR B 70 7.26 17.17 11.15
C THR B 70 7.02 16.29 9.93
N GLY B 71 7.73 15.15 9.90
CA GLY B 71 7.62 14.12 8.87
C GLY B 71 8.45 14.28 7.63
N LEU B 72 9.51 15.09 7.67
CA LEU B 72 10.38 15.30 6.51
C LEU B 72 10.84 13.98 5.87
N VAL B 73 11.35 13.06 6.68
CA VAL B 73 11.88 11.77 6.22
C VAL B 73 10.81 10.98 5.48
N GLY B 74 9.68 10.72 6.14
CA GLY B 74 8.54 10.00 5.58
C GLY B 74 8.09 10.57 4.25
N ILE B 75 7.98 11.93 4.17
CA ILE B 75 7.58 12.73 2.99
C ILE B 75 8.57 12.48 1.83
N VAL B 76 9.89 12.49 2.12
CA VAL B 76 10.93 12.26 1.11
C VAL B 76 10.83 10.82 0.56
N ALA B 77 10.78 9.79 1.46
CA ALA B 77 10.66 8.38 1.08
C ALA B 77 9.44 8.14 0.15
N ALA B 78 8.26 8.72 0.51
CA ALA B 78 6.99 8.69 -0.22
C ALA B 78 7.12 9.28 -1.66
N LEU B 79 7.91 10.37 -1.79
CA LEU B 79 8.23 11.07 -3.06
C LEU B 79 9.24 10.25 -3.88
N LEU B 80 9.98 9.34 -3.24
CA LEU B 80 10.96 8.46 -3.88
C LEU B 80 10.31 7.12 -4.31
N GLY B 81 8.99 7.00 -4.09
CA GLY B 81 8.18 5.87 -4.53
C GLY B 81 7.75 4.85 -3.50
N ALA B 82 8.04 5.08 -2.21
CA ALA B 82 7.70 4.14 -1.13
C ALA B 82 6.26 4.28 -0.58
N HIS B 83 5.75 3.19 0.00
CA HIS B 83 4.47 3.08 0.70
C HIS B 83 4.86 3.24 2.16
N VAL B 84 4.74 4.47 2.67
CA VAL B 84 5.22 4.84 4.00
C VAL B 84 4.08 5.00 4.99
N THR B 85 4.30 4.47 6.20
CA THR B 85 3.41 4.61 7.37
C THR B 85 4.19 5.59 8.28
N ILE B 86 3.75 6.85 8.31
CA ILE B 86 4.44 7.91 9.04
C ILE B 86 3.83 8.02 10.42
N THR B 87 4.62 7.69 11.46
CA THR B 87 4.13 7.64 12.83
C THR B 87 4.87 8.54 13.81
N ASP B 88 4.18 8.86 14.90
CA ASP B 88 4.64 9.61 16.05
C ASP B 88 3.67 9.33 17.18
N ARG B 89 3.92 9.92 18.37
CA ARG B 89 3.01 9.72 19.49
C ARG B 89 1.83 10.69 19.35
N LYS B 90 0.71 10.41 20.06
CA LYS B 90 -0.55 11.15 20.05
C LYS B 90 -0.43 12.69 19.97
N VAL B 91 0.33 13.31 20.90
CA VAL B 91 0.47 14.76 21.03
C VAL B 91 1.09 15.44 19.79
N ALA B 92 1.84 14.68 18.98
CA ALA B 92 2.52 15.17 17.79
C ALA B 92 1.77 14.86 16.51
N LEU B 93 0.64 14.13 16.59
CA LEU B 93 -0.07 13.64 15.42
C LEU B 93 -0.77 14.67 14.53
N GLU B 94 -1.51 15.65 15.07
CA GLU B 94 -2.22 16.66 14.25
C GLU B 94 -1.25 17.51 13.37
N PHE B 95 -0.13 17.95 13.94
CA PHE B 95 0.88 18.75 13.26
C PHE B 95 1.62 17.98 12.17
N LEU B 96 1.86 16.67 12.41
CA LEU B 96 2.51 15.76 11.47
C LEU B 96 1.64 15.59 10.21
N LYS B 97 0.34 15.27 10.39
CA LYS B 97 -0.68 15.08 9.35
C LYS B 97 -0.77 16.29 8.44
N SER B 98 -0.72 17.49 9.04
CA SER B 98 -0.79 18.76 8.32
C SER B 98 0.38 18.96 7.37
N ASN B 99 1.61 18.70 7.86
CA ASN B 99 2.83 18.79 7.10
C ASN B 99 2.89 17.73 5.99
N VAL B 100 2.40 16.51 6.29
CA VAL B 100 2.34 15.41 5.31
C VAL B 100 1.25 15.68 4.22
N GLN B 101 0.04 16.15 4.62
CA GLN B 101 -1.04 16.44 3.62
C GLN B 101 -0.66 17.55 2.64
N ALA B 102 0.12 18.56 3.10
CA ALA B 102 0.57 19.74 2.32
C ALA B 102 1.72 19.46 1.36
N ASN B 103 2.57 18.46 1.67
CA ASN B 103 3.74 18.17 0.86
C ASN B 103 3.64 16.94 -0.04
N LEU B 104 2.45 16.33 -0.15
CA LEU B 104 2.33 15.17 -1.04
C LEU B 104 1.23 15.36 -2.07
N PRO B 105 1.50 15.06 -3.37
CA PRO B 105 0.44 15.14 -4.38
C PRO B 105 -0.62 14.03 -4.19
N PRO B 106 -1.80 14.11 -4.85
CA PRO B 106 -2.83 13.07 -4.69
C PRO B 106 -2.40 11.62 -4.93
N HIS B 107 -1.63 11.37 -6.01
CA HIS B 107 -1.21 10.01 -6.39
C HIS B 107 -0.21 9.36 -5.40
N ILE B 108 0.52 10.18 -4.60
CA ILE B 108 1.48 9.69 -3.58
C ILE B 108 0.71 9.52 -2.28
N GLN B 109 -0.14 10.51 -1.94
CA GLN B 109 -1.01 10.57 -0.77
C GLN B 109 -1.84 9.28 -0.55
N THR B 110 -2.38 8.66 -1.62
CA THR B 110 -3.16 7.41 -1.53
C THR B 110 -2.30 6.23 -1.02
N LYS B 111 -0.98 6.28 -1.26
CA LYS B 111 -0.01 5.24 -0.85
C LYS B 111 0.56 5.43 0.57
N THR B 112 0.29 6.61 1.17
CA THR B 112 0.81 7.04 2.47
C THR B 112 -0.26 6.99 3.56
N VAL B 113 0.16 6.64 4.79
CA VAL B 113 -0.66 6.57 6.02
C VAL B 113 0.03 7.34 7.12
N VAL B 114 -0.71 8.25 7.77
CA VAL B 114 -0.20 8.93 8.94
C VAL B 114 -1.04 8.41 10.09
N LYS B 115 -0.38 7.76 11.04
CA LYS B 115 -1.07 7.19 12.19
C LYS B 115 -0.17 7.18 13.41
N GLU B 116 -0.76 6.93 14.57
CA GLU B 116 -0.07 6.90 15.85
C GLU B 116 0.75 5.62 16.00
N LEU B 117 1.87 5.76 16.70
CA LEU B 117 2.76 4.70 17.13
C LEU B 117 3.59 5.20 18.31
N THR B 118 3.03 4.99 19.48
CA THR B 118 3.67 5.30 20.75
C THR B 118 4.48 4.04 21.01
N TRP B 119 5.80 4.20 21.09
CA TRP B 119 6.76 3.12 21.25
C TRP B 119 6.37 2.19 22.38
N GLY B 120 6.26 0.91 22.04
CA GLY B 120 5.92 -0.18 22.96
C GLY B 120 4.43 -0.33 23.24
N GLN B 121 3.57 0.46 22.53
CA GLN B 121 2.11 0.45 22.73
CA GLN B 121 2.12 0.44 22.75
C GLN B 121 1.34 0.06 21.47
N ASN B 122 0.31 -0.81 21.64
CA ASN B 122 -0.59 -1.35 20.60
C ASN B 122 0.20 -1.94 19.42
N LEU B 123 1.27 -2.68 19.73
CA LEU B 123 2.14 -3.28 18.71
C LEU B 123 1.42 -4.36 17.87
N GLY B 124 0.34 -4.95 18.40
CA GLY B 124 -0.50 -5.92 17.70
C GLY B 124 -1.22 -5.37 16.47
N SER B 125 -1.27 -4.01 16.37
CA SER B 125 -1.85 -3.25 15.26
CA SER B 125 -1.87 -3.30 15.24
C SER B 125 -0.88 -3.26 14.08
N PHE B 126 0.36 -3.70 14.33
CA PHE B 126 1.41 -3.73 13.33
C PHE B 126 1.86 -5.15 13.10
N SER B 127 1.77 -5.62 11.84
CA SER B 127 2.21 -6.98 11.51
C SER B 127 3.73 -7.04 11.59
N PRO B 128 4.32 -8.07 12.25
CA PRO B 128 5.80 -8.16 12.33
C PRO B 128 6.52 -8.30 10.98
N GLY B 129 5.78 -8.54 9.90
CA GLY B 129 6.33 -8.65 8.55
C GLY B 129 5.80 -7.61 7.58
N GLU B 130 5.14 -6.56 8.11
CA GLU B 130 4.52 -5.46 7.37
CA GLU B 130 4.52 -5.49 7.35
C GLU B 130 5.52 -4.52 6.68
N PHE B 131 6.67 -4.20 7.33
CA PHE B 131 7.59 -3.23 6.74
C PHE B 131 8.98 -3.74 6.39
N ASP B 132 9.42 -3.40 5.17
CA ASP B 132 10.72 -3.70 4.59
C ASP B 132 11.75 -2.75 5.16
N LEU B 133 11.33 -1.51 5.43
CA LEU B 133 12.22 -0.46 5.91
C LEU B 133 11.65 0.26 7.13
N ILE B 134 12.51 0.49 8.12
CA ILE B 134 12.16 1.18 9.35
C ILE B 134 13.10 2.38 9.46
N LEU B 135 12.54 3.57 9.57
CA LEU B 135 13.31 4.81 9.60
C LEU B 135 13.15 5.57 10.90
N GLY B 136 14.24 6.16 11.35
CA GLY B 136 14.28 6.97 12.55
C GLY B 136 15.31 8.07 12.42
N ALA B 137 14.87 9.33 12.43
CA ALA B 137 15.80 10.47 12.40
C ALA B 137 15.76 11.24 13.74
N ASP B 138 16.89 11.24 14.47
CA ASP B 138 17.14 11.89 15.76
C ASP B 138 16.07 11.53 16.79
N ILE B 139 15.84 10.21 16.96
CA ILE B 139 14.82 9.67 17.86
C ILE B 139 15.40 9.01 19.14
N ILE B 140 16.73 9.07 19.35
CA ILE B 140 17.43 8.50 20.52
C ILE B 140 17.76 9.68 21.41
N TYR B 141 17.08 9.82 22.57
CA TYR B 141 17.29 10.96 23.47
C TYR B 141 16.59 10.83 24.81
N LEU B 142 15.58 9.93 24.95
CA LEU B 142 14.87 9.73 26.21
C LEU B 142 15.10 8.32 26.75
N GLU B 143 15.89 8.19 27.84
CA GLU B 143 16.24 6.93 28.52
C GLU B 143 15.03 6.15 28.93
N GLU B 144 14.01 6.85 29.47
CA GLU B 144 12.74 6.34 30.00
C GLU B 144 11.96 5.47 29.01
N THR B 145 12.22 5.64 27.70
CA THR B 145 11.52 4.89 26.66
C THR B 145 12.49 4.13 25.73
N PHE B 146 13.72 3.83 26.21
CA PHE B 146 14.71 3.07 25.42
C PHE B 146 14.24 1.64 25.21
N THR B 147 13.74 0.99 26.28
CA THR B 147 13.21 -0.39 26.29
C THR B 147 12.01 -0.47 25.31
N ASP B 148 11.07 0.47 25.42
CA ASP B 148 9.89 0.60 24.58
C ASP B 148 10.28 0.73 23.07
N LEU B 149 11.29 1.57 22.74
CA LEU B 149 11.76 1.80 21.38
C LEU B 149 12.47 0.55 20.84
N LEU B 150 13.24 -0.13 21.70
CA LEU B 150 13.91 -1.37 21.35
C LEU B 150 12.90 -2.48 21.07
N GLN B 151 11.80 -2.53 21.84
CA GLN B 151 10.69 -3.48 21.69
C GLN B 151 10.00 -3.24 20.35
N THR B 152 9.80 -1.95 20.02
CA THR B 152 9.20 -1.50 18.78
C THR B 152 10.06 -2.01 17.60
N LEU B 153 11.38 -1.72 17.62
CA LEU B 153 12.34 -2.15 16.61
C LEU B 153 12.37 -3.67 16.48
N GLU B 154 12.37 -4.42 17.61
CA GLU B 154 12.36 -5.90 17.62
C GLU B 154 11.04 -6.45 17.03
N HIS B 155 9.90 -5.82 17.34
CA HIS B 155 8.60 -6.26 16.83
C HIS B 155 8.48 -6.07 15.32
N LEU B 156 8.84 -4.89 14.83
CA LEU B 156 8.72 -4.51 13.43
C LEU B 156 9.78 -5.09 12.51
N CYS B 157 11.01 -5.28 12.99
CA CYS B 157 12.11 -5.74 12.13
C CYS B 157 12.13 -7.23 11.90
N SER B 158 11.61 -7.65 10.73
CA SER B 158 11.62 -9.07 10.34
C SER B 158 13.00 -9.38 9.72
N ASN B 159 13.24 -10.65 9.40
CA ASN B 159 14.49 -11.15 8.83
C ASN B 159 14.97 -10.43 7.58
N HIS B 160 14.05 -9.94 6.72
CA HIS B 160 14.39 -9.23 5.47
C HIS B 160 14.42 -7.70 5.66
N SER B 161 13.78 -7.18 6.74
CA SER B 161 13.68 -5.75 7.07
C SER B 161 15.05 -5.11 7.36
N VAL B 162 15.12 -3.82 7.12
CA VAL B 162 16.32 -3.05 7.37
C VAL B 162 15.90 -1.80 8.18
N ILE B 163 16.59 -1.52 9.31
CA ILE B 163 16.36 -0.31 10.09
C ILE B 163 17.48 0.71 9.70
N LEU B 164 17.12 1.97 9.46
CA LEU B 164 18.08 3.05 9.24
C LEU B 164 17.83 4.08 10.36
N LEU B 165 18.84 4.35 11.21
CA LEU B 165 18.73 5.37 12.27
C LEU B 165 19.75 6.48 12.06
N ALA B 166 19.29 7.72 11.82
CA ALA B 166 20.15 8.90 11.65
C ALA B 166 20.31 9.52 13.05
N CYS B 167 21.54 9.52 13.59
CA CYS B 167 21.83 9.92 14.98
C CYS B 167 22.75 11.10 15.16
N ARG B 168 22.37 11.94 16.12
CA ARG B 168 23.13 13.07 16.63
C ARG B 168 23.41 12.60 18.05
N ILE B 169 24.50 11.81 18.20
CA ILE B 169 24.93 11.21 19.46
C ILE B 169 25.46 12.33 20.39
N ARG B 170 24.68 12.63 21.43
CA ARG B 170 24.92 13.75 22.35
C ARG B 170 25.58 13.34 23.66
N TYR B 171 25.09 12.27 24.30
CA TYR B 171 25.53 11.79 25.61
C TYR B 171 25.80 10.27 25.62
N GLU B 172 26.30 9.76 26.77
CA GLU B 172 26.61 8.36 27.04
C GLU B 172 25.36 7.48 26.79
N ARG B 173 24.17 8.02 27.14
CA ARG B 173 22.87 7.36 26.95
C ARG B 173 22.65 6.92 25.50
N ASP B 174 23.12 7.74 24.54
CA ASP B 174 22.97 7.47 23.12
C ASP B 174 23.85 6.28 22.69
N ASN B 175 25.03 6.11 23.31
CA ASN B 175 25.90 4.98 23.01
C ASN B 175 25.40 3.74 23.70
N ASN B 176 24.66 3.90 24.83
CA ASN B 176 24.07 2.80 25.60
C ASN B 176 22.92 2.21 24.83
N PHE B 177 22.17 3.07 24.10
CA PHE B 177 21.07 2.60 23.26
C PHE B 177 21.66 1.81 22.10
N LEU B 178 22.75 2.30 21.45
CA LEU B 178 23.40 1.61 20.33
C LEU B 178 24.01 0.27 20.74
N ALA B 179 24.42 0.16 22.02
CA ALA B 179 24.97 -1.06 22.61
C ALA B 179 23.83 -2.05 22.83
N MET B 180 22.67 -1.60 23.39
CA MET B 180 21.47 -2.44 23.60
C MET B 180 20.95 -2.98 22.23
N LEU B 181 20.96 -2.13 21.19
CA LEU B 181 20.55 -2.42 19.80
C LEU B 181 21.43 -3.54 19.24
N GLU B 182 22.75 -3.51 19.58
CA GLU B 182 23.73 -4.48 19.11
C GLU B 182 23.52 -5.90 19.68
N ARG B 183 22.85 -6.03 20.81
CA ARG B 183 22.60 -7.34 21.41
C ARG B 183 21.84 -8.29 20.47
N GLN B 184 20.75 -7.79 19.84
CA GLN B 184 19.89 -8.58 18.97
C GLN B 184 20.06 -8.26 17.49
N PHE B 185 20.62 -7.08 17.16
CA PHE B 185 20.84 -6.63 15.79
C PHE B 185 22.30 -6.42 15.46
N THR B 186 22.64 -6.60 14.16
CA THR B 186 23.94 -6.27 13.59
C THR B 186 23.80 -4.75 13.34
N VAL B 187 24.75 -3.93 13.84
CA VAL B 187 24.66 -2.47 13.65
C VAL B 187 25.89 -2.00 12.89
N ARG B 188 25.70 -1.25 11.82
CA ARG B 188 26.82 -0.79 11.04
C ARG B 188 26.64 0.63 10.56
N LYS B 189 27.74 1.40 10.55
CA LYS B 189 27.75 2.77 10.05
C LYS B 189 27.74 2.66 8.53
N VAL B 190 26.85 3.42 7.88
CA VAL B 190 26.71 3.37 6.42
C VAL B 190 26.95 4.74 5.80
N HIS B 191 26.89 5.79 6.64
CA HIS B 191 27.03 7.19 6.23
C HIS B 191 27.29 8.12 7.42
N TYR B 192 28.13 9.14 7.19
CA TYR B 192 28.45 10.17 8.18
C TYR B 192 28.47 11.52 7.49
N ASP B 193 27.67 12.47 8.01
CA ASP B 193 27.67 13.85 7.52
C ASP B 193 28.63 14.59 8.46
N PRO B 194 29.77 15.10 7.95
CA PRO B 194 30.75 15.74 8.85
C PRO B 194 30.36 17.12 9.39
N GLU B 195 29.68 17.98 8.62
CA GLU B 195 29.32 19.30 9.15
C GLU B 195 28.22 19.25 10.22
N LYS B 196 27.21 18.37 10.02
CA LYS B 196 26.08 18.23 10.94
C LYS B 196 26.37 17.27 12.09
N ASP B 197 27.50 16.51 12.00
CA ASP B 197 27.95 15.49 12.96
C ASP B 197 26.83 14.44 13.18
N VAL B 198 26.29 13.95 12.07
CA VAL B 198 25.21 12.95 12.09
C VAL B 198 25.70 11.64 11.47
N HIS B 199 25.52 10.53 12.19
CA HIS B 199 25.81 9.19 11.69
C HIS B 199 24.50 8.51 11.28
N ILE B 200 24.55 7.73 10.21
CA ILE B 200 23.44 6.87 9.81
C ILE B 200 23.92 5.46 10.06
N TYR B 201 23.22 4.78 10.97
CA TYR B 201 23.45 3.39 11.35
C TYR B 201 22.42 2.52 10.65
N GLU B 202 22.84 1.36 10.17
CA GLU B 202 21.93 0.39 9.56
C GLU B 202 21.80 -0.83 10.48
N ALA B 203 20.56 -1.28 10.77
CA ALA B 203 20.30 -2.42 11.66
C ALA B 203 19.51 -3.54 11.00
N GLN B 204 19.93 -4.78 11.28
CA GLN B 204 19.31 -5.99 10.78
C GLN B 204 19.33 -7.07 11.87
N LYS B 205 18.25 -7.86 11.95
CA LYS B 205 18.11 -8.96 12.91
C LYS B 205 19.28 -9.93 12.67
N ARG B 206 20.03 -10.24 13.75
CA ARG B 206 21.21 -11.08 13.66
C ARG B 206 20.85 -12.55 13.57
N ASN B 207 20.26 -13.09 14.66
CA ASN B 207 19.95 -14.51 14.67
C ASN B 207 18.60 -14.72 13.99
N GLN B 208 18.67 -14.83 12.65
CA GLN B 208 17.53 -14.97 11.73
C GLN B 208 16.90 -16.34 11.72
N LYS B 209 17.49 -17.33 12.40
CA LYS B 209 16.93 -18.69 12.51
C LYS B 209 16.09 -18.85 13.76
#